data_4A6O
#
_entry.id   4A6O
#
_cell.length_a   89.710
_cell.length_b   49.890
_cell.length_c   63.170
_cell.angle_alpha   90.00
_cell.angle_beta   90.00
_cell.angle_gamma   90.00
#
_symmetry.space_group_name_H-M   'P 21 21 2'
#
loop_
_entity.id
_entity.type
_entity.pdbx_description
1 polymer 'ALPHA-N-ACETYLGLUCOSAMINIDASE FAMILY PROTEIN'
2 branched 2-acetamido-2-deoxy-alpha-D-glucopyranose-(1-4)-beta-D-galactopyranose
3 non-polymer 'CALCIUM ION'
4 water water
#
_entity_poly.entity_id   1
_entity_poly.type   'polypeptide(L)'
_entity_poly.pdbx_seq_one_letter_code
;MGSSHHHHHHSSGLVPRGSHMASANYVNIAENKNVSGSNSQSGNPLSNITDGDLSSLWISDNGAMPANATIDLEGNNFVD
FLELHFEKEGFRFQFKVEVEDESGNRETVLDMTSNTEDNKKSYNIPVKKEISKIHATITGKAPGGSFDQAWAAIAEIKAM
S
;
_entity_poly.pdbx_strand_id   A,B
#
loop_
_chem_comp.id
_chem_comp.type
_chem_comp.name
_chem_comp.formula
CA non-polymer 'CALCIUM ION' 'Ca 2'
GAL D-saccharide, beta linking beta-D-galactopyranose 'C6 H12 O6'
NDG D-saccharide, alpha linking 2-acetamido-2-deoxy-alpha-D-glucopyranose 'C8 H15 N O6'
#
# COMPACT_ATOMS: atom_id res chain seq x y z
N GLY A 18 11.97 24.10 -3.29
CA GLY A 18 12.39 22.83 -2.63
C GLY A 18 13.83 22.86 -2.15
N SER A 19 14.18 21.89 -1.31
CA SER A 19 15.55 21.74 -0.81
C SER A 19 16.34 20.74 -1.66
N HIS A 20 15.67 20.15 -2.64
CA HIS A 20 16.26 19.14 -3.51
C HIS A 20 16.71 19.72 -4.84
N MET A 21 17.88 19.30 -5.29
CA MET A 21 18.30 19.45 -6.69
C MET A 21 18.00 18.10 -7.36
N ALA A 22 17.29 18.03 -8.49
CA ALA A 22 16.77 19.16 -9.27
C ALA A 22 15.64 19.92 -8.61
N SER A 23 15.59 21.20 -8.95
CA SER A 23 14.82 22.22 -8.24
C SER A 23 13.37 21.88 -7.92
N ALA A 24 12.56 21.69 -8.97
CA ALA A 24 11.13 21.36 -8.86
C ALA A 24 10.42 22.22 -7.81
N ASN A 25 9.58 21.57 -7.01
CA ASN A 25 9.02 22.15 -5.81
C ASN A 25 9.28 21.15 -4.70
N TYR A 26 8.28 20.85 -3.89
CA TYR A 26 8.46 19.91 -2.79
C TYR A 26 8.41 18.45 -3.23
N VAL A 27 9.26 17.63 -2.61
CA VAL A 27 9.37 16.22 -2.94
C VAL A 27 8.83 15.38 -1.78
N ASN A 28 8.02 14.38 -2.12
CA ASN A 28 7.52 13.44 -1.12
C ASN A 28 8.57 12.39 -0.80
N ILE A 29 9.48 12.75 0.11
CA ILE A 29 10.58 11.87 0.50
C ILE A 29 10.14 10.75 1.44
N ALA A 30 8.92 10.87 1.97
CA ALA A 30 8.33 9.83 2.81
C ALA A 30 7.79 8.68 1.97
N GLU A 31 7.38 8.99 0.74
CA GLU A 31 6.78 8.01 -0.16
C GLU A 31 7.65 6.76 -0.32
N ASN A 32 7.01 5.60 -0.18
CA ASN A 32 7.64 4.27 -0.30
C ASN A 32 8.61 3.88 0.82
N LYS A 33 8.85 4.80 1.75
CA LYS A 33 9.70 4.54 2.90
C LYS A 33 9.03 3.60 3.89
N ASN A 34 9.85 2.81 4.60
CA ASN A 34 9.37 1.88 5.62
C ASN A 34 8.45 2.52 6.66
N VAL A 35 7.37 1.81 6.97
CA VAL A 35 6.46 2.21 8.05
C VAL A 35 6.32 1.04 9.03
N SER A 36 6.63 1.31 10.29
CA SER A 36 6.46 0.33 11.36
C SER A 36 5.59 0.92 12.46
N GLY A 37 5.03 0.05 13.30
CA GLY A 37 4.17 0.49 14.38
C GLY A 37 3.26 -0.60 14.90
N SER A 38 2.07 -0.18 15.34
CA SER A 38 1.11 -1.07 15.96
C SER A 38 0.29 -1.85 14.94
N ASN A 39 -0.28 -2.95 15.40
CA ASN A 39 -1.09 -3.85 14.58
C ASN A 39 -2.07 -3.17 13.63
N SER A 40 -2.14 -3.69 12.40
CA SER A 40 -3.09 -3.22 11.39
C SER A 40 -4.17 -4.28 11.21
N GLN A 41 -5.38 -3.84 10.86
CA GLN A 41 -6.42 -4.80 10.50
C GLN A 41 -6.19 -5.29 9.06
N SER A 42 -6.82 -6.38 8.69
CA SER A 42 -6.61 -6.99 7.38
C SER A 42 -7.05 -6.08 6.23
N GLY A 43 -6.15 -5.93 5.26
CA GLY A 43 -6.40 -5.11 4.08
C GLY A 43 -6.11 -3.64 4.30
N ASN A 44 -5.55 -3.31 5.47
CA ASN A 44 -5.22 -1.94 5.83
C ASN A 44 -3.86 -1.82 6.53
N PRO A 45 -2.78 -2.28 5.89
CA PRO A 45 -1.49 -2.37 6.58
C PRO A 45 -0.79 -1.02 6.76
N LEU A 46 0.32 -1.02 7.50
CA LEU A 46 1.07 0.18 7.83
C LEU A 46 1.65 0.92 6.63
N SER A 47 2.01 0.17 5.59
CA SER A 47 2.61 0.73 4.38
C SER A 47 1.69 1.71 3.64
N ASN A 48 0.38 1.57 3.83
CA ASN A 48 -0.62 2.45 3.22
C ASN A 48 -0.45 3.93 3.59
N ILE A 49 0.39 4.20 4.59
CA ILE A 49 0.68 5.55 5.04
C ILE A 49 1.64 6.29 4.10
N THR A 50 2.47 5.54 3.37
CA THR A 50 3.45 6.15 2.47
C THR A 50 3.37 5.62 1.03
N ASP A 51 2.20 5.12 0.63
CA ASP A 51 2.05 4.48 -0.68
C ASP A 51 1.72 5.47 -1.81
N GLY A 52 1.59 6.75 -1.46
CA GLY A 52 1.32 7.81 -2.43
C GLY A 52 -0.13 7.92 -2.88
N ASP A 53 -1.00 7.12 -2.27
CA ASP A 53 -2.43 7.10 -2.59
C ASP A 53 -3.23 7.52 -1.37
N LEU A 54 -4.02 8.58 -1.52
CA LEU A 54 -4.74 9.20 -0.40
C LEU A 54 -6.05 8.49 -0.03
N SER A 55 -6.44 7.48 -0.80
CA SER A 55 -7.67 6.73 -0.53
C SER A 55 -7.40 5.47 0.30
N SER A 56 -6.22 4.87 0.13
CA SER A 56 -5.83 3.67 0.88
C SER A 56 -5.42 4.04 2.30
N LEU A 57 -5.98 3.33 3.27
CA LEU A 57 -5.80 3.68 4.68
C LEU A 57 -5.06 2.64 5.49
N TRP A 58 -4.42 3.09 6.56
CA TRP A 58 -3.98 2.21 7.64
C TRP A 58 -5.01 2.30 8.75
N ILE A 59 -5.53 1.16 9.18
CA ILE A 59 -6.50 1.10 10.27
C ILE A 59 -5.98 0.20 11.37
N SER A 60 -5.97 0.70 12.61
CA SER A 60 -5.51 -0.05 13.76
C SER A 60 -6.40 -1.27 14.03
N ASP A 61 -5.75 -2.41 14.29
CA ASP A 61 -6.42 -3.69 14.53
C ASP A 61 -7.47 -3.58 15.64
N ASN A 62 -8.74 -3.68 15.25
CA ASN A 62 -9.90 -3.59 16.16
C ASN A 62 -10.05 -2.24 16.87
N GLY A 63 -9.57 -1.17 16.24
CA GLY A 63 -9.65 0.18 16.78
C GLY A 63 -8.87 0.38 18.08
N ALA A 64 -7.82 -0.41 18.25
CA ALA A 64 -7.00 -0.38 19.46
C ALA A 64 -6.23 0.93 19.58
N MET A 65 -6.37 1.58 20.73
CA MET A 65 -5.69 2.84 21.02
C MET A 65 -5.01 2.74 22.39
N PRO A 66 -3.82 3.37 22.56
CA PRO A 66 -3.08 4.18 21.58
C PRO A 66 -2.53 3.38 20.39
N ALA A 67 -2.66 3.94 19.19
CA ALA A 67 -2.13 3.36 17.97
C ALA A 67 -1.05 4.25 17.39
N ASN A 68 0.04 3.66 16.93
CA ASN A 68 1.16 4.43 16.40
C ASN A 68 1.66 3.99 15.04
N ALA A 69 2.40 4.87 14.38
CA ALA A 69 3.01 4.60 13.08
C ALA A 69 4.27 5.43 12.95
N THR A 70 5.35 4.79 12.51
CA THR A 70 6.64 5.46 12.36
C THR A 70 7.19 5.30 10.95
N ILE A 71 7.37 6.43 10.27
CA ILE A 71 7.98 6.46 8.95
C ILE A 71 9.48 6.67 9.10
N ASP A 72 10.25 5.76 8.51
CA ASP A 72 11.70 5.86 8.51
C ASP A 72 12.16 6.43 7.17
N LEU A 73 12.80 7.58 7.23
CA LEU A 73 13.28 8.29 6.04
C LEU A 73 14.71 7.89 5.67
N GLU A 74 15.24 6.87 6.35
CA GLU A 74 16.56 6.28 6.07
C GLU A 74 17.72 7.28 6.24
N GLY A 75 17.70 8.01 7.36
CA GLY A 75 18.72 9.01 7.65
C GLY A 75 18.18 10.42 7.63
N ASN A 76 19.04 11.38 7.92
CA ASN A 76 18.63 12.79 7.99
C ASN A 76 18.32 13.39 6.63
N ASN A 77 17.10 13.90 6.51
CA ASN A 77 16.70 14.71 5.37
C ASN A 77 16.04 15.97 5.90
N PHE A 78 16.27 17.09 5.22
CA PHE A 78 15.53 18.30 5.53
C PHE A 78 14.08 18.07 5.14
N VAL A 79 13.17 18.52 6.00
CA VAL A 79 11.74 18.49 5.68
C VAL A 79 11.14 19.85 6.01
N ASP A 80 10.50 20.46 5.01
CA ASP A 80 9.84 21.73 5.19
C ASP A 80 8.60 21.54 6.06
N PHE A 81 7.66 20.71 5.58
CA PHE A 81 6.40 20.46 6.28
C PHE A 81 5.85 19.06 6.02
N LEU A 82 5.09 18.55 6.98
CA LEU A 82 4.46 17.24 6.86
C LEU A 82 3.00 17.41 6.44
N GLU A 83 2.43 16.36 5.85
CA GLU A 83 1.03 16.34 5.47
C GLU A 83 0.31 15.12 6.05
N LEU A 84 -0.47 15.34 7.11
CA LEU A 84 -1.24 14.27 7.73
C LEU A 84 -2.62 14.17 7.07
N HIS A 85 -2.79 13.16 6.24
CA HIS A 85 -4.05 12.94 5.53
C HIS A 85 -4.90 11.87 6.21
N PHE A 86 -6.19 12.18 6.39
CA PHE A 86 -7.17 11.23 6.91
C PHE A 86 -8.06 10.72 5.76
N GLU A 87 -8.96 9.79 6.08
CA GLU A 87 -9.91 9.26 5.10
C GLU A 87 -10.82 10.37 4.57
N LYS A 88 -11.36 11.15 5.49
CA LYS A 88 -12.25 12.26 5.18
C LYS A 88 -12.36 13.20 6.39
N GLU A 89 -13.14 14.26 6.24
CA GLU A 89 -13.40 15.19 7.35
C GLU A 89 -14.36 14.57 8.37
N GLY A 90 -14.34 15.09 9.59
CA GLY A 90 -15.33 14.70 10.60
C GLY A 90 -14.78 14.00 11.83
N PHE A 91 -13.90 13.03 11.63
CA PHE A 91 -13.36 12.20 12.72
C PHE A 91 -12.91 13.04 13.91
N ARG A 92 -13.10 12.53 15.11
CA ARG A 92 -12.71 13.23 16.33
C ARG A 92 -11.59 12.51 17.08
N PHE A 93 -10.50 12.19 16.36
CA PHE A 93 -9.36 11.55 16.98
C PHE A 93 -8.51 12.53 17.78
N GLN A 94 -7.77 11.98 18.75
CA GLN A 94 -6.77 12.74 19.49
C GLN A 94 -5.41 12.19 19.06
N PHE A 95 -4.59 13.05 18.46
CA PHE A 95 -3.34 12.58 17.85
C PHE A 95 -2.12 13.48 18.02
N LYS A 96 -0.97 12.82 18.20
CA LYS A 96 0.32 13.47 18.38
C LYS A 96 1.17 13.18 17.15
N VAL A 97 1.93 14.17 16.68
CA VAL A 97 2.90 13.96 15.59
C VAL A 97 4.28 14.46 15.99
N GLU A 98 5.25 13.56 16.01
CA GLU A 98 6.61 13.86 16.46
C GLU A 98 7.64 13.63 15.36
N VAL A 99 8.81 14.23 15.52
CA VAL A 99 9.93 14.04 14.59
C VAL A 99 11.21 13.68 15.34
N GLU A 100 12.16 13.04 14.64
CA GLU A 100 13.38 12.54 15.24
C GLU A 100 14.54 12.58 14.25
N ASP A 101 15.74 12.91 14.73
CA ASP A 101 16.95 12.88 13.89
C ASP A 101 17.90 11.73 14.26
N GLU A 102 19.02 11.63 13.56
CA GLU A 102 20.04 10.62 13.81
C GLU A 102 20.66 10.78 15.19
N SER A 103 20.71 12.03 15.66
CA SER A 103 21.32 12.40 16.93
C SER A 103 20.53 11.93 18.14
N GLY A 104 19.22 11.73 17.95
CA GLY A 104 18.34 11.27 19.03
C GLY A 104 17.38 12.34 19.54
N ASN A 105 17.41 13.51 18.90
CA ASN A 105 16.53 14.62 19.27
C ASN A 105 15.11 14.36 18.82
N ARG A 106 14.15 14.72 19.68
CA ARG A 106 12.74 14.51 19.39
C ARG A 106 11.95 15.80 19.62
N GLU A 107 10.97 16.04 18.76
CA GLU A 107 10.20 17.28 18.78
C GLU A 107 8.76 17.05 18.32
N THR A 108 7.81 17.37 19.18
CA THR A 108 6.40 17.30 18.82
C THR A 108 6.06 18.50 17.95
N VAL A 109 5.57 18.22 16.73
CA VAL A 109 5.27 19.26 15.75
C VAL A 109 3.79 19.55 15.63
N LEU A 110 2.95 18.59 16.02
CA LEU A 110 1.51 18.79 16.08
C LEU A 110 0.94 18.07 17.29
N ASP A 111 0.91 18.77 18.42
CA ASP A 111 0.33 18.21 19.62
C ASP A 111 -1.15 18.53 19.65
N MET A 112 -1.96 17.50 19.46
CA MET A 112 -3.39 17.63 19.35
C MET A 112 -4.06 16.49 20.11
N THR A 113 -3.38 16.03 21.17
CA THR A 113 -3.82 14.88 21.95
C THR A 113 -5.01 15.21 22.86
N SER A 114 -5.20 16.49 23.15
CA SER A 114 -6.32 16.94 23.96
C SER A 114 -7.44 17.53 23.09
N ASN A 115 -7.55 17.00 21.87
CA ASN A 115 -8.55 17.45 20.90
C ASN A 115 -9.97 17.06 21.25
N THR A 116 -10.85 18.05 21.27
CA THR A 116 -12.30 17.85 21.26
C THR A 116 -12.84 18.55 20.03
N GLU A 117 -13.90 17.98 19.45
CA GLU A 117 -14.47 18.44 18.17
C GLU A 117 -13.67 17.99 16.95
N ASP A 118 -14.19 18.32 15.77
CA ASP A 118 -13.80 17.70 14.50
C ASP A 118 -12.35 17.88 14.06
N ASN A 119 -11.84 16.87 13.36
CA ASN A 119 -10.59 16.99 12.61
C ASN A 119 -10.95 17.21 11.14
N LYS A 120 -10.10 17.96 10.43
CA LYS A 120 -10.26 18.12 8.99
C LYS A 120 -9.58 16.98 8.24
N LYS A 121 -9.72 16.97 6.91
CA LYS A 121 -9.21 15.87 6.09
C LYS A 121 -7.69 15.76 6.12
N SER A 122 -7.01 16.91 6.02
CA SER A 122 -5.55 16.94 6.06
C SER A 122 -4.99 18.09 6.91
N TYR A 123 -3.77 17.88 7.42
CA TYR A 123 -3.09 18.87 8.25
C TYR A 123 -1.70 19.18 7.73
N ASN A 124 -1.43 20.47 7.52
CA ASN A 124 -0.06 20.94 7.24
C ASN A 124 0.67 21.16 8.56
N ILE A 125 1.79 20.47 8.72
CA ILE A 125 2.57 20.53 9.94
C ILE A 125 3.98 21.03 9.62
N PRO A 126 4.24 22.33 9.86
CA PRO A 126 5.54 22.93 9.57
C PRO A 126 6.66 22.35 10.43
N VAL A 127 7.75 21.94 9.79
CA VAL A 127 8.89 21.36 10.49
C VAL A 127 10.13 22.25 10.30
N LYS A 128 10.60 22.34 9.06
CA LYS A 128 11.81 23.10 8.67
C LYS A 128 13.06 22.66 9.43
N LYS A 129 13.19 21.33 9.59
CA LYS A 129 14.29 20.73 10.35
C LYS A 129 14.80 19.46 9.66
N GLU A 130 16.06 19.13 9.92
CA GLU A 130 16.62 17.84 9.47
C GLU A 130 16.09 16.75 10.39
N ILE A 131 15.35 15.81 9.80
CA ILE A 131 14.76 14.69 10.54
C ILE A 131 15.00 13.36 9.84
N SER A 132 14.90 12.29 10.60
CA SER A 132 15.11 10.94 10.08
C SER A 132 13.90 10.02 10.33
N LYS A 133 13.02 10.43 11.24
CA LYS A 133 11.85 9.64 11.61
C LYS A 133 10.62 10.52 11.83
N ILE A 134 9.44 9.96 11.53
CA ILE A 134 8.17 10.65 11.77
C ILE A 134 7.25 9.77 12.63
N HIS A 135 6.92 10.25 13.83
CA HIS A 135 6.13 9.48 14.79
C HIS A 135 4.69 9.98 14.91
N ALA A 136 3.78 9.32 14.19
CA ALA A 136 2.35 9.63 14.28
C ALA A 136 1.67 8.71 15.29
N THR A 137 0.94 9.30 16.23
CA THR A 137 0.32 8.54 17.32
C THR A 137 -1.11 9.01 17.58
N ILE A 138 -2.07 8.10 17.41
CA ILE A 138 -3.46 8.34 17.80
C ILE A 138 -3.66 7.83 19.22
N THR A 139 -3.78 8.75 20.18
CA THR A 139 -3.83 8.42 21.60
C THR A 139 -5.22 8.10 22.13
N GLY A 140 -6.25 8.53 21.39
CA GLY A 140 -7.63 8.32 21.80
C GLY A 140 -8.65 8.89 20.83
N LYS A 141 -9.90 8.94 21.28
CA LYS A 141 -11.00 9.47 20.48
C LYS A 141 -11.86 10.41 21.34
N ALA A 142 -12.19 11.56 20.78
CA ALA A 142 -13.02 12.55 21.45
C ALA A 142 -14.49 12.13 21.36
N PRO A 143 -15.26 12.34 22.45
CA PRO A 143 -16.69 12.06 22.50
C PRO A 143 -17.48 12.92 21.51
N GLY A 144 -18.56 12.37 20.97
CA GLY A 144 -19.43 13.08 20.05
C GLY A 144 -18.99 12.99 18.60
N GLY A 145 -19.61 13.81 17.75
CA GLY A 145 -19.29 13.84 16.33
C GLY A 145 -20.21 12.98 15.48
N SER A 146 -20.18 13.21 14.17
CA SER A 146 -21.00 12.46 13.22
C SER A 146 -20.46 11.04 12.99
N PHE A 147 -19.15 10.87 13.12
CA PHE A 147 -18.51 9.55 13.04
C PHE A 147 -17.92 9.13 14.38
N ASP A 148 -18.79 8.68 15.27
CA ASP A 148 -18.41 8.23 16.61
C ASP A 148 -17.91 6.78 16.64
N GLN A 149 -18.04 6.10 15.50
CA GLN A 149 -17.80 4.66 15.39
C GLN A 149 -16.47 4.28 14.71
N ALA A 150 -15.89 5.21 13.97
CA ALA A 150 -14.67 4.97 13.19
C ALA A 150 -13.47 4.53 14.04
N TRP A 151 -12.59 3.72 13.44
CA TRP A 151 -11.38 3.25 14.12
C TRP A 151 -10.17 4.12 13.78
N ALA A 152 -9.16 4.07 14.64
CA ALA A 152 -7.91 4.81 14.45
C ALA A 152 -7.31 4.56 13.06
N ALA A 153 -7.31 5.60 12.22
CA ALA A 153 -6.87 5.47 10.84
C ALA A 153 -6.11 6.69 10.32
N ILE A 154 -5.11 6.43 9.48
CA ILE A 154 -4.34 7.46 8.78
C ILE A 154 -4.28 7.10 7.30
N ALA A 155 -4.69 8.03 6.44
CA ALA A 155 -4.68 7.81 5.00
C ALA A 155 -3.28 7.94 4.40
N GLU A 156 -2.59 9.02 4.74
CA GLU A 156 -1.25 9.29 4.21
C GLU A 156 -0.51 10.29 5.08
N ILE A 157 0.78 10.04 5.28
CA ILE A 157 1.69 11.07 5.80
C ILE A 157 2.76 11.31 4.75
N LYS A 158 2.85 12.58 4.34
CA LYS A 158 3.83 13.01 3.35
C LYS A 158 4.88 13.89 4.01
N ALA A 159 6.11 13.79 3.55
CA ALA A 159 7.20 14.61 4.08
C ALA A 159 7.80 15.49 2.98
N MET A 160 7.42 16.76 2.99
CA MET A 160 7.79 17.69 1.91
C MET A 160 9.11 18.41 2.19
N SER A 161 10.07 18.25 1.29
CA SER A 161 11.36 18.93 1.40
C SER A 161 11.82 19.53 0.08
N GLY B 18 -18.42 -11.55 3.59
CA GLY B 18 -17.51 -12.66 3.17
C GLY B 18 -18.27 -13.92 2.80
N SER B 19 -17.63 -14.76 1.99
CA SER B 19 -18.22 -16.03 1.54
C SER B 19 -17.76 -17.21 2.40
N HIS B 20 -16.88 -16.93 3.36
CA HIS B 20 -16.44 -17.94 4.31
C HIS B 20 -17.27 -17.90 5.58
N MET B 21 -17.65 -19.07 6.06
CA MET B 21 -18.18 -19.23 7.41
C MET B 21 -16.98 -19.64 8.27
N ALA B 22 -16.59 -18.81 9.23
CA ALA B 22 -17.13 -17.48 9.40
C ALA B 22 -16.14 -16.70 10.26
N SER B 23 -15.86 -15.44 9.96
CA SER B 23 -16.12 -14.77 8.69
C SER B 23 -15.42 -13.41 8.70
N ALA B 24 -16.00 -12.51 9.50
CA ALA B 24 -15.63 -11.10 9.56
C ALA B 24 -15.75 -10.47 8.16
N ASN B 25 -14.66 -9.92 7.65
CA ASN B 25 -14.68 -9.34 6.31
C ASN B 25 -14.29 -10.36 5.24
N TYR B 26 -13.24 -10.08 4.47
CA TYR B 26 -12.78 -10.98 3.42
C TYR B 26 -11.57 -11.79 3.86
N VAL B 27 -11.41 -12.97 3.26
CA VAL B 27 -10.29 -13.86 3.55
C VAL B 27 -9.40 -13.99 2.31
N ASN B 28 -8.11 -13.73 2.49
CA ASN B 28 -7.13 -13.89 1.41
C ASN B 28 -6.78 -15.35 1.20
N ILE B 29 -7.53 -16.00 0.32
CA ILE B 29 -7.34 -17.42 0.03
C ILE B 29 -6.18 -17.68 -0.92
N ALA B 30 -5.65 -16.62 -1.52
CA ALA B 30 -4.44 -16.71 -2.34
C ALA B 30 -3.21 -16.87 -1.43
N GLU B 31 -3.31 -16.30 -0.24
CA GLU B 31 -2.22 -16.30 0.74
C GLU B 31 -1.62 -17.68 0.96
N ASN B 32 -0.30 -17.77 0.80
CA ASN B 32 0.47 -18.99 1.05
C ASN B 32 0.34 -20.10 0.00
N LYS B 33 -0.48 -19.85 -1.03
CA LYS B 33 -0.68 -20.81 -2.13
C LYS B 33 0.46 -20.80 -3.14
N ASN B 34 0.72 -21.96 -3.73
CA ASN B 34 1.78 -22.13 -4.74
C ASN B 34 1.72 -21.17 -5.93
N VAL B 35 2.89 -20.73 -6.39
CA VAL B 35 3.01 -19.85 -7.55
C VAL B 35 4.05 -20.39 -8.54
N SER B 36 3.62 -20.69 -9.76
CA SER B 36 4.51 -21.16 -10.82
C SER B 36 4.52 -20.18 -12.00
N GLY B 37 5.54 -20.29 -12.84
CA GLY B 37 5.62 -19.41 -14.02
C GLY B 37 7.02 -19.09 -14.51
N SER B 38 7.17 -17.85 -14.98
CA SER B 38 8.40 -17.37 -15.62
C SER B 38 9.60 -17.31 -14.68
N ASN B 39 10.79 -17.41 -15.26
CA ASN B 39 12.06 -17.36 -14.52
C ASN B 39 12.22 -16.11 -13.65
N SER B 40 12.64 -16.32 -12.40
CA SER B 40 12.85 -15.25 -11.43
C SER B 40 14.33 -15.00 -11.20
N GLN B 41 14.69 -13.80 -10.74
CA GLN B 41 16.10 -13.43 -10.48
C GLN B 41 16.19 -12.10 -9.73
N SER B 42 16.87 -12.07 -8.58
CA SER B 42 17.37 -13.25 -7.86
C SER B 42 17.24 -12.93 -6.37
N GLY B 43 16.63 -13.84 -5.62
CA GLY B 43 16.17 -13.52 -4.27
C GLY B 43 14.80 -12.87 -4.36
N ASN B 44 14.16 -13.07 -5.50
CA ASN B 44 12.81 -12.58 -5.78
C ASN B 44 11.93 -13.68 -6.38
N PRO B 45 11.72 -14.79 -5.65
CA PRO B 45 11.05 -15.96 -6.20
C PRO B 45 9.57 -15.71 -6.52
N LEU B 46 8.96 -16.67 -7.22
CA LEU B 46 7.54 -16.60 -7.55
C LEU B 46 6.66 -16.60 -6.30
N SER B 47 7.12 -17.34 -5.27
CA SER B 47 6.38 -17.50 -4.01
C SER B 47 6.09 -16.18 -3.29
N ASN B 48 6.88 -15.16 -3.58
CA ASN B 48 6.74 -13.84 -2.95
C ASN B 48 5.46 -13.08 -3.33
N ILE B 49 4.76 -13.59 -4.34
CA ILE B 49 3.49 -12.99 -4.79
C ILE B 49 2.34 -13.31 -3.81
N THR B 50 2.48 -14.39 -3.06
CA THR B 50 1.41 -14.87 -2.16
C THR B 50 1.83 -15.00 -0.69
N ASP B 51 2.86 -14.30 -0.26
CA ASP B 51 3.38 -14.46 1.10
C ASP B 51 2.76 -13.52 2.14
N GLY B 52 1.92 -12.59 1.69
CA GLY B 52 1.28 -11.63 2.58
C GLY B 52 2.16 -10.43 2.89
N ASP B 53 3.23 -10.29 2.11
CA ASP B 53 4.19 -9.21 2.28
C ASP B 53 4.18 -8.35 1.02
N LEU B 54 3.68 -7.13 1.15
CA LEU B 54 3.55 -6.22 0.00
C LEU B 54 4.89 -5.64 -0.46
N SER B 55 5.95 -5.89 0.33
CA SER B 55 7.28 -5.38 0.01
CA SER B 55 7.29 -5.39 0.03
C SER B 55 8.14 -6.42 -0.71
N SER B 56 7.83 -7.70 -0.50
CA SER B 56 8.55 -8.78 -1.18
C SER B 56 8.09 -8.86 -2.63
N LEU B 57 9.05 -8.80 -3.54
CA LEU B 57 8.76 -8.76 -4.96
C LEU B 57 9.13 -10.06 -5.66
N TRP B 58 8.39 -10.37 -6.71
CA TRP B 58 8.85 -11.31 -7.73
C TRP B 58 9.36 -10.47 -8.89
N ILE B 59 10.55 -10.80 -9.38
CA ILE B 59 11.14 -10.07 -10.50
C ILE B 59 11.55 -11.02 -11.62
N SER B 60 11.19 -10.66 -12.85
CA SER B 60 11.53 -11.44 -14.04
C SER B 60 13.04 -11.46 -14.28
N ASP B 61 13.58 -12.63 -14.63
CA ASP B 61 15.01 -12.81 -14.88
C ASP B 61 15.45 -11.88 -16.02
N ASN B 62 16.33 -10.94 -15.68
CA ASN B 62 16.78 -9.85 -16.57
C ASN B 62 15.66 -8.87 -16.97
N GLY B 63 14.50 -9.02 -16.35
CA GLY B 63 13.31 -8.25 -16.72
C GLY B 63 12.70 -8.72 -18.03
N ALA B 64 12.84 -10.02 -18.33
CA ALA B 64 12.39 -10.59 -19.59
C ALA B 64 10.87 -10.50 -19.74
N MET B 65 10.43 -10.05 -20.91
CA MET B 65 9.01 -9.90 -21.21
C MET B 65 8.65 -10.58 -22.52
N PRO B 66 7.47 -11.26 -22.58
CA PRO B 66 6.47 -11.36 -21.51
C PRO B 66 6.97 -12.12 -20.28
N ALA B 67 6.43 -11.75 -19.12
CA ALA B 67 6.67 -12.47 -17.88
C ALA B 67 5.32 -12.83 -17.26
N ASN B 68 5.20 -14.06 -16.77
CA ASN B 68 3.94 -14.49 -16.17
C ASN B 68 4.07 -15.35 -14.92
N ALA B 69 3.14 -15.15 -14.00
CA ALA B 69 3.05 -15.92 -12.77
C ALA B 69 1.63 -16.47 -12.63
N THR B 70 1.54 -17.71 -12.13
CA THR B 70 0.27 -18.39 -11.94
C THR B 70 0.10 -18.81 -10.48
N ILE B 71 -0.99 -18.37 -9.87
CA ILE B 71 -1.34 -18.75 -8.50
C ILE B 71 -2.35 -19.88 -8.54
N ASP B 72 -1.94 -21.02 -7.98
CA ASP B 72 -2.81 -22.20 -7.89
C ASP B 72 -3.51 -22.22 -6.53
N LEU B 73 -4.84 -22.08 -6.56
CA LEU B 73 -5.65 -21.97 -5.36
C LEU B 73 -6.13 -23.32 -4.82
N GLU B 74 -5.68 -24.41 -5.45
CA GLU B 74 -5.98 -25.79 -5.04
C GLU B 74 -7.48 -26.11 -5.09
N GLY B 75 -8.04 -26.03 -6.29
CA GLY B 75 -9.47 -26.30 -6.51
C GLY B 75 -10.30 -25.03 -6.55
N ASN B 76 -11.58 -25.17 -6.91
CA ASN B 76 -12.48 -24.03 -7.03
C ASN B 76 -12.86 -23.42 -5.70
N ASN B 77 -12.47 -22.16 -5.52
CA ASN B 77 -12.94 -21.34 -4.41
C ASN B 77 -13.60 -20.12 -5.00
N PHE B 78 -14.69 -19.67 -4.38
CA PHE B 78 -15.31 -18.40 -4.76
C PHE B 78 -14.32 -17.27 -4.45
N VAL B 79 -14.19 -16.34 -5.39
CA VAL B 79 -13.38 -15.15 -5.18
C VAL B 79 -14.22 -13.94 -5.54
N ASP B 80 -14.36 -13.02 -4.59
CA ASP B 80 -15.09 -11.78 -4.81
C ASP B 80 -14.24 -10.83 -5.67
N PHE B 81 -13.07 -10.45 -5.17
CA PHE B 81 -12.19 -9.52 -5.88
C PHE B 81 -10.69 -9.80 -5.68
N LEU B 82 -9.90 -9.52 -6.71
CA LEU B 82 -8.44 -9.67 -6.65
C LEU B 82 -7.75 -8.34 -6.40
N GLU B 83 -6.67 -8.38 -5.62
CA GLU B 83 -5.81 -7.22 -5.40
C GLU B 83 -4.43 -7.43 -6.02
N LEU B 84 -4.11 -6.64 -7.04
CA LEU B 84 -2.83 -6.73 -7.73
C LEU B 84 -1.89 -5.63 -7.27
N HIS B 85 -1.00 -5.97 -6.35
CA HIS B 85 -0.06 -5.02 -5.75
C HIS B 85 1.28 -5.01 -6.47
N PHE B 86 1.75 -3.81 -6.82
CA PHE B 86 3.11 -3.62 -7.31
C PHE B 86 3.97 -3.04 -6.19
N GLU B 87 5.28 -2.98 -6.43
CA GLU B 87 6.23 -2.40 -5.48
C GLU B 87 5.81 -1.01 -5.01
N LYS B 88 5.43 -0.18 -5.97
CA LYS B 88 5.11 1.23 -5.74
C LYS B 88 4.29 1.76 -6.92
N GLU B 89 3.92 3.04 -6.86
CA GLU B 89 3.26 3.71 -7.97
C GLU B 89 4.28 4.12 -9.03
N GLY B 90 3.79 4.47 -10.22
CA GLY B 90 4.61 5.13 -11.22
C GLY B 90 5.11 4.28 -12.38
N PHE B 91 5.05 2.97 -12.22
CA PHE B 91 5.48 2.04 -13.27
C PHE B 91 4.62 2.20 -14.52
N ARG B 92 5.17 1.81 -15.67
CA ARG B 92 4.41 1.78 -16.91
C ARG B 92 4.49 0.38 -17.53
N PHE B 93 3.93 -0.60 -16.81
CA PHE B 93 3.86 -1.97 -17.29
C PHE B 93 2.59 -2.18 -18.10
N GLN B 94 2.65 -3.17 -19.00
CA GLN B 94 1.48 -3.61 -19.75
C GLN B 94 1.20 -5.05 -19.34
N PHE B 95 0.04 -5.27 -18.75
CA PHE B 95 -0.23 -6.53 -18.07
C PHE B 95 -1.67 -7.01 -18.19
N LYS B 96 -1.84 -8.31 -17.96
CA LYS B 96 -3.10 -9.00 -18.08
C LYS B 96 -3.33 -9.82 -16.81
N VAL B 97 -4.59 -9.97 -16.41
CA VAL B 97 -4.94 -10.86 -15.31
C VAL B 97 -6.12 -11.75 -15.72
N GLU B 98 -5.87 -13.05 -15.83
CA GLU B 98 -6.91 -14.01 -16.19
C GLU B 98 -7.23 -14.93 -15.04
N VAL B 99 -8.47 -15.43 -15.01
CA VAL B 99 -8.92 -16.37 -14.00
C VAL B 99 -9.28 -17.72 -14.65
N GLU B 100 -9.25 -18.80 -13.88
CA GLU B 100 -9.57 -20.14 -14.39
C GLU B 100 -10.15 -21.06 -13.31
N ASP B 101 -11.10 -21.90 -13.69
CA ASP B 101 -11.69 -22.87 -12.77
C ASP B 101 -11.28 -24.32 -13.06
N GLU B 102 -11.83 -25.27 -12.29
CA GLU B 102 -11.58 -26.70 -12.46
C GLU B 102 -12.04 -27.23 -13.81
N SER B 103 -13.04 -26.57 -14.38
CA SER B 103 -13.69 -27.02 -15.61
C SER B 103 -12.94 -26.63 -16.89
N GLY B 104 -12.01 -25.69 -16.76
CA GLY B 104 -11.17 -25.28 -17.88
C GLY B 104 -11.46 -23.91 -18.46
N ASN B 105 -12.49 -23.24 -17.95
CA ASN B 105 -12.88 -21.93 -18.48
C ASN B 105 -11.96 -20.82 -18.01
N ARG B 106 -11.66 -19.90 -18.92
CA ARG B 106 -10.78 -18.78 -18.63
C ARG B 106 -11.47 -17.46 -18.98
N GLU B 107 -11.11 -16.41 -18.25
CA GLU B 107 -11.76 -15.10 -18.37
C GLU B 107 -10.75 -14.03 -17.99
N THR B 108 -10.64 -12.98 -18.81
CA THR B 108 -9.77 -11.84 -18.50
C THR B 108 -10.50 -10.85 -17.60
N VAL B 109 -9.90 -10.53 -16.46
CA VAL B 109 -10.52 -9.61 -15.50
C VAL B 109 -9.86 -8.22 -15.44
N LEU B 110 -8.66 -8.11 -16.01
CA LEU B 110 -7.95 -6.83 -16.09
C LEU B 110 -7.02 -6.79 -17.31
N ASP B 111 -7.39 -5.97 -18.29
CA ASP B 111 -6.60 -5.88 -19.53
C ASP B 111 -5.90 -4.52 -19.64
N MET B 112 -4.63 -4.51 -19.25
CA MET B 112 -3.82 -3.30 -19.28
C MET B 112 -2.70 -3.43 -20.31
N THR B 113 -2.84 -4.38 -21.23
CA THR B 113 -1.83 -4.60 -22.28
C THR B 113 -1.75 -3.43 -23.28
N SER B 114 -2.71 -2.51 -23.16
CA SER B 114 -2.73 -1.30 -23.96
CA SER B 114 -2.74 -1.29 -23.96
C SER B 114 -2.29 -0.08 -23.15
N ASN B 115 -2.00 -0.30 -21.87
CA ASN B 115 -1.61 0.76 -20.94
C ASN B 115 -0.39 1.58 -21.36
N THR B 116 -0.64 2.85 -21.66
CA THR B 116 0.40 3.86 -21.76
C THR B 116 0.07 4.87 -20.68
N GLU B 117 1.09 5.34 -19.98
CA GLU B 117 0.95 6.19 -18.78
C GLU B 117 0.90 5.37 -17.48
N ASP B 118 1.15 6.03 -16.35
CA ASP B 118 1.52 5.38 -15.08
C ASP B 118 0.52 4.41 -14.44
N ASN B 119 1.06 3.42 -13.74
CA ASN B 119 0.29 2.48 -12.94
C ASN B 119 0.16 2.98 -11.51
N LYS B 120 -0.97 2.67 -10.86
CA LYS B 120 -1.08 2.87 -9.42
C LYS B 120 -0.51 1.65 -8.70
N LYS B 121 -0.24 1.79 -7.40
CA LYS B 121 0.43 0.74 -6.62
C LYS B 121 -0.34 -0.58 -6.62
N SER B 122 -1.65 -0.50 -6.40
CA SER B 122 -2.49 -1.70 -6.39
C SER B 122 -3.81 -1.50 -7.14
N TYR B 123 -4.33 -2.59 -7.68
CA TYR B 123 -5.57 -2.58 -8.44
C TYR B 123 -6.61 -3.49 -7.78
N ASN B 124 -7.85 -3.03 -7.76
CA ASN B 124 -8.97 -3.84 -7.30
C ASN B 124 -9.69 -4.44 -8.52
N ILE B 125 -9.67 -5.76 -8.61
CA ILE B 125 -10.21 -6.45 -9.77
C ILE B 125 -11.45 -7.28 -9.39
N PRO B 126 -12.64 -6.88 -9.88
CA PRO B 126 -13.86 -7.64 -9.56
C PRO B 126 -13.94 -8.98 -10.29
N VAL B 127 -14.18 -10.05 -9.53
CA VAL B 127 -14.30 -11.40 -10.09
C VAL B 127 -15.73 -11.89 -9.95
N LYS B 128 -16.16 -12.14 -8.71
CA LYS B 128 -17.48 -12.67 -8.38
C LYS B 128 -17.73 -14.04 -9.03
N LYS B 129 -16.68 -14.83 -9.17
CA LYS B 129 -16.76 -16.15 -9.80
C LYS B 129 -15.93 -17.18 -9.04
N GLU B 130 -16.33 -18.45 -9.15
CA GLU B 130 -15.54 -19.57 -8.63
C GLU B 130 -14.33 -19.79 -9.53
N ILE B 131 -13.14 -19.67 -8.94
CA ILE B 131 -11.90 -19.87 -9.69
C ILE B 131 -10.90 -20.72 -8.91
N SER B 132 -10.01 -21.37 -9.64
CA SER B 132 -8.98 -22.21 -9.06
C SER B 132 -7.57 -21.72 -9.41
N LYS B 133 -7.48 -20.84 -10.41
CA LYS B 133 -6.19 -20.32 -10.87
C LYS B 133 -6.24 -18.83 -11.20
N ILE B 134 -5.18 -18.11 -10.82
CA ILE B 134 -5.01 -16.70 -11.19
C ILE B 134 -3.76 -16.54 -12.06
N HIS B 135 -3.95 -16.04 -13.28
CA HIS B 135 -2.87 -15.85 -14.23
C HIS B 135 -2.58 -14.37 -14.46
N ALA B 136 -1.43 -13.91 -13.96
CA ALA B 136 -0.96 -12.57 -14.23
C ALA B 136 0.12 -12.65 -15.30
N THR B 137 0.13 -11.67 -16.21
CA THR B 137 1.08 -11.64 -17.32
C THR B 137 1.49 -10.22 -17.65
N ILE B 138 2.76 -9.90 -17.42
CA ILE B 138 3.33 -8.61 -17.82
C ILE B 138 3.96 -8.77 -19.20
N THR B 139 3.30 -8.23 -20.22
CA THR B 139 3.69 -8.46 -21.62
C THR B 139 4.67 -7.42 -22.14
N GLY B 140 4.46 -6.16 -21.77
CA GLY B 140 5.31 -5.07 -22.23
C GLY B 140 5.53 -3.95 -21.23
N LYS B 141 6.21 -2.90 -21.70
CA LYS B 141 6.57 -1.75 -20.88
C LYS B 141 6.49 -0.48 -21.72
N ALA B 142 5.60 0.43 -21.33
CA ALA B 142 5.35 1.68 -22.05
C ALA B 142 6.52 2.65 -21.93
N PRO B 143 6.64 3.61 -22.89
CA PRO B 143 7.71 4.59 -22.81
C PRO B 143 7.43 5.67 -21.77
N GLY B 144 8.48 6.28 -21.24
CA GLY B 144 8.37 7.38 -20.28
C GLY B 144 8.15 6.95 -18.84
N GLY B 145 7.83 7.92 -17.99
CA GLY B 145 7.63 7.67 -16.56
C GLY B 145 8.89 7.86 -15.73
N SER B 146 8.72 7.97 -14.42
CA SER B 146 9.83 8.16 -13.48
C SER B 146 10.73 6.93 -13.38
N PHE B 147 10.12 5.74 -13.43
CA PHE B 147 10.84 4.49 -13.31
C PHE B 147 10.81 3.72 -14.64
N ASP B 148 11.51 4.27 -15.62
CA ASP B 148 11.53 3.73 -16.98
C ASP B 148 12.53 2.58 -17.13
N GLN B 149 13.31 2.33 -16.07
CA GLN B 149 14.34 1.31 -16.10
C GLN B 149 13.89 0.04 -15.36
N ALA B 150 12.69 0.11 -14.80
CA ALA B 150 12.15 -0.94 -13.95
C ALA B 150 12.00 -2.29 -14.65
N TRP B 151 12.27 -3.35 -13.92
CA TRP B 151 12.03 -4.71 -14.39
C TRP B 151 10.63 -5.15 -13.98
N ALA B 152 10.09 -6.13 -14.69
CA ALA B 152 8.72 -6.62 -14.44
C ALA B 152 8.63 -7.26 -13.06
N ALA B 153 7.77 -6.70 -12.21
CA ALA B 153 7.69 -7.12 -10.82
C ALA B 153 6.30 -6.95 -10.20
N ILE B 154 5.73 -8.07 -9.77
CA ILE B 154 4.51 -8.08 -8.98
C ILE B 154 4.86 -8.32 -7.52
N ALA B 155 4.36 -7.46 -6.64
CA ALA B 155 4.64 -7.56 -5.20
C ALA B 155 3.73 -8.58 -4.51
N GLU B 156 2.43 -8.47 -4.74
CA GLU B 156 1.44 -9.32 -4.07
C GLU B 156 0.15 -9.41 -4.85
N ILE B 157 -0.39 -10.62 -4.99
CA ILE B 157 -1.75 -10.79 -5.47
C ILE B 157 -2.57 -11.46 -4.38
N LYS B 158 -3.59 -10.74 -3.91
CA LYS B 158 -4.51 -11.24 -2.89
C LYS B 158 -5.82 -11.63 -3.56
N ALA B 159 -6.30 -12.83 -3.26
CA ALA B 159 -7.63 -13.27 -3.72
C ALA B 159 -8.60 -13.18 -2.55
N MET B 160 -9.47 -12.18 -2.59
CA MET B 160 -10.37 -11.91 -1.48
C MET B 160 -11.76 -12.48 -1.74
N SER B 161 -12.24 -13.28 -0.77
CA SER B 161 -13.58 -13.86 -0.84
C SER B 161 -14.22 -13.85 0.54
C1 GAL C . -15.40 -2.58 9.47
C2 GAL C . -14.15 -1.77 9.08
C3 GAL C . -13.70 -0.86 10.24
C4 GAL C . -14.86 0.01 10.78
C5 GAL C . -16.00 -0.98 11.13
C6 GAL C . -17.21 -0.31 11.82
O1 GAL C . -15.86 -3.32 8.34
O2 GAL C . -13.09 -2.68 8.75
O3 GAL C . -12.62 -0.03 9.80
O4 GAL C . -15.23 1.00 9.79
O5 GAL C . -16.44 -1.68 9.93
O6 GAL C . -17.47 -0.98 13.05
C1 NDG C . -15.26 2.35 10.34
C2 NDG C . -16.12 3.28 9.45
C3 NDG C . -15.47 3.53 8.08
C4 NDG C . -13.99 3.92 8.16
C5 NDG C . -13.20 3.19 9.27
C6 NDG C . -11.97 4.06 9.58
C7 NDG C . -18.43 2.71 10.16
C8 NDG C . -19.74 2.06 9.69
O5 NDG C . -13.94 2.95 10.50
O3 NDG C . -16.18 4.58 7.41
O4 NDG C . -13.38 3.65 6.89
O6 NDG C . -11.28 3.53 10.72
O7 NDG C . -18.32 3.17 11.29
N2 NDG C . -17.46 2.71 9.23
C1 GAL D . 18.67 -4.95 -9.29
C2 GAL D . 17.18 -5.15 -8.97
C3 GAL D . 16.44 -5.51 -10.27
C4 GAL D . 16.51 -4.36 -11.27
C5 GAL D . 18.03 -4.15 -11.51
C6 GAL D . 18.26 -3.00 -12.51
O1 GAL D . 19.37 -4.61 -8.10
O2 GAL D . 16.99 -6.16 -7.98
O3 GAL D . 15.08 -5.83 -9.99
O4 GAL D . 15.93 -3.17 -10.67
O5 GAL D . 18.81 -3.89 -10.29
O6 GAL D . 19.66 -2.71 -12.58
C1 NDG D . 14.71 -2.67 -11.28
C2 NDG D . 14.50 -1.22 -10.80
C3 NDG D . 14.15 -1.17 -9.30
C4 NDG D . 12.93 -2.04 -8.99
C5 NDG D . 13.10 -3.46 -9.55
C6 NDG D . 11.79 -4.24 -9.37
C7 NDG D . 15.72 0.76 -11.61
C8 NDG D . 17.10 1.41 -11.76
O5 NDG D . 13.52 -3.48 -10.95
O3 NDG D . 13.87 0.18 -8.90
O4 NDG D . 12.78 -2.11 -7.57
O6 NDG D . 10.95 -4.03 -10.50
O7 NDG D . 14.71 1.34 -12.00
N2 NDG D . 15.73 -0.44 -11.03
CA CA E . -2.41 5.90 1.67
CA CA F . -2.50 -27.69 -7.36
CA CA G . 4.79 -10.18 -1.72
#